data_7MSO
#
_entry.id   7MSO
#
_cell.length_a   57.282
_cell.length_b   64.652
_cell.length_c   70.163
_cell.angle_alpha   90.000
_cell.angle_beta   92.490
_cell.angle_gamma   90.000
#
_symmetry.space_group_name_H-M   'P 1 21 1'
#
loop_
_entity.id
_entity.type
_entity.pdbx_description
1 polymer 'Serine/threonine-protein kinase PLK1'
2 polymer 'Cyclic Peptide Inhibitor ZO1-GLN-SER-TPO-45W-MLL'
3 water water
#
loop_
_entity_poly.entity_id
_entity_poly.type
_entity_poly.pdbx_seq_one_letter_code
_entity_poly.pdbx_strand_id
1 'polypeptide(L)'
;GAHMDCHLSDMLQQLHSVNASKPSERGLVRQEEAEDPACIPIFWVSKWVDYSDKYGLGYQLCDNSVGVLFNDSTRLILYN
DGDSLQYIERDGTESYLTVSSHPNSLMKKITLLKYFRNYMSEHLLKAGANITPREGDELARLPYLRTWFRTRSAIILHLS
NGSVQINFFQDHTKLILCPLMAAVTYIDEKRDFRTYRLSLLEEYGCCKELASRLRYARTMVDKLLSSRSASNRLKAS
;
A,B
2 'polypeptide(L)' (ZO1)QS(TPO)(ZNY)(MLL) E,F
#
# COMPACT_ATOMS: atom_id res chain seq x y z
N HIS A 7 -34.62 11.29 -12.52
CA HIS A 7 -35.16 11.90 -11.32
C HIS A 7 -34.95 13.42 -11.37
N LEU A 8 -34.07 13.92 -12.25
CA LEU A 8 -33.81 15.35 -12.25
C LEU A 8 -35.07 16.12 -12.60
N SER A 9 -35.85 15.64 -13.59
CA SER A 9 -37.07 16.34 -13.92
C SER A 9 -38.06 16.29 -12.76
N ASP A 10 -38.11 15.18 -12.02
CA ASP A 10 -38.95 15.16 -10.81
C ASP A 10 -38.47 16.19 -9.79
N MET A 11 -37.16 16.29 -9.62
CA MET A 11 -36.64 17.27 -8.68
C MET A 11 -36.99 18.68 -9.12
N LEU A 12 -36.84 18.96 -10.42
CA LEU A 12 -37.20 20.28 -10.92
C LEU A 12 -38.68 20.58 -10.67
N GLN A 13 -39.57 19.62 -10.91
CA GLN A 13 -40.99 19.86 -10.69
C GLN A 13 -41.26 20.11 -9.22
N GLN A 14 -40.60 19.35 -8.33
CA GLN A 14 -40.80 19.55 -6.90
C GLN A 14 -40.36 20.94 -6.49
N LEU A 15 -39.18 21.39 -6.95
CA LEU A 15 -38.69 22.71 -6.60
C LEU A 15 -39.58 23.82 -7.19
N HIS A 16 -40.00 23.66 -8.46
CA HIS A 16 -40.96 24.61 -9.03
C HIS A 16 -42.19 24.76 -8.15
N SER A 17 -42.78 23.63 -7.73
CA SER A 17 -44.02 23.75 -6.98
C SER A 17 -43.79 24.50 -5.68
N VAL A 18 -42.65 24.23 -5.01
CA VAL A 18 -42.46 24.90 -3.73
C VAL A 18 -42.11 26.36 -3.97
N ASN A 19 -41.25 26.67 -4.95
CA ASN A 19 -40.87 28.06 -5.16
C ASN A 19 -42.05 28.89 -5.64
N ALA A 20 -42.91 28.29 -6.49
CA ALA A 20 -44.10 29.01 -6.97
C ALA A 20 -45.01 29.45 -5.82
N SER A 21 -45.06 28.68 -4.73
CA SER A 21 -45.92 28.94 -3.59
C SER A 21 -45.43 30.09 -2.74
N LYS A 22 -44.24 30.67 -3.05
CA LYS A 22 -43.60 31.79 -2.37
C LYS A 22 -43.59 31.53 -0.86
N PRO A 23 -42.82 30.52 -0.42
CA PRO A 23 -42.99 30.03 0.96
C PRO A 23 -42.55 31.04 2.03
N SER A 24 -41.75 32.05 1.68
CA SER A 24 -41.36 32.94 2.77
C SER A 24 -42.38 34.04 2.97
N GLU A 25 -43.46 34.03 2.18
CA GLU A 25 -44.53 35.00 2.33
C GLU A 25 -45.77 34.41 2.98
N ARG A 26 -45.70 33.19 3.55
CA ARG A 26 -46.82 32.63 4.29
C ARG A 26 -47.23 33.61 5.41
N GLY A 27 -48.54 33.70 5.69
CA GLY A 27 -48.99 34.64 6.72
C GLY A 27 -48.31 34.41 8.06
N LEU A 28 -48.31 33.17 8.53
CA LEU A 28 -47.45 32.75 9.63
C LEU A 28 -46.63 31.58 9.13
N VAL A 29 -45.31 31.78 9.07
CA VAL A 29 -44.38 30.73 8.65
C VAL A 29 -44.17 29.77 9.80
N ARG A 30 -44.35 28.47 9.54
CA ARG A 30 -44.19 27.45 10.57
C ARG A 30 -43.24 26.40 10.04
N GLN A 31 -41.98 26.81 9.89
CA GLN A 31 -41.01 25.99 9.17
C GLN A 31 -40.81 24.64 9.86
N GLU A 32 -40.84 24.63 11.20
CA GLU A 32 -40.64 23.43 12.02
C GLU A 32 -41.67 22.35 11.74
N GLU A 33 -42.87 22.73 11.31
CA GLU A 33 -43.90 21.74 10.99
C GLU A 33 -43.58 20.98 9.72
N ALA A 34 -42.66 21.48 8.90
CA ALA A 34 -42.29 20.82 7.65
C ALA A 34 -41.15 19.82 7.85
N GLU A 35 -40.58 19.77 9.07
CA GLU A 35 -39.45 18.88 9.35
C GLU A 35 -39.88 17.43 9.33
N ASP A 36 -39.07 16.57 8.71
CA ASP A 36 -39.37 15.15 8.65
C ASP A 36 -38.07 14.41 8.84
N PRO A 37 -37.70 14.13 10.08
CA PRO A 37 -36.40 13.48 10.33
C PRO A 37 -36.32 12.08 9.78
N ALA A 38 -37.45 11.46 9.47
CA ALA A 38 -37.42 10.13 8.87
C ALA A 38 -36.82 10.17 7.47
N CYS A 39 -36.84 11.34 6.82
CA CYS A 39 -36.33 11.45 5.46
C CYS A 39 -34.86 11.85 5.42
N ILE A 40 -34.17 11.85 6.55
CA ILE A 40 -32.74 12.22 6.54
C ILE A 40 -32.01 11.29 5.57
N PRO A 41 -31.22 11.83 4.64
CA PRO A 41 -30.56 11.01 3.63
C PRO A 41 -29.56 10.07 4.28
N ILE A 42 -29.30 8.96 3.59
CA ILE A 42 -28.26 8.06 4.06
C ILE A 42 -26.86 8.55 3.64
N PHE A 43 -26.75 9.11 2.44
CA PHE A 43 -25.46 9.48 1.84
C PHE A 43 -25.46 10.96 1.44
N TRP A 44 -24.34 11.65 1.74
CA TRP A 44 -24.07 12.97 1.21
C TRP A 44 -22.55 13.12 1.14
N VAL A 45 -22.12 14.17 0.46
CA VAL A 45 -20.70 14.42 0.26
C VAL A 45 -20.19 15.21 1.46
N SER A 46 -19.21 14.67 2.18
CA SER A 46 -18.83 15.31 3.44
C SER A 46 -17.52 16.08 3.31
N LYS A 47 -16.71 15.78 2.28
CA LYS A 47 -15.49 16.55 1.97
C LYS A 47 -15.23 16.46 0.46
N TRP A 48 -14.51 17.44 -0.10
CA TRP A 48 -14.17 17.30 -1.53
C TRP A 48 -12.96 18.18 -1.86
N VAL A 49 -12.27 17.80 -2.95
CA VAL A 49 -11.10 18.56 -3.44
C VAL A 49 -11.15 18.52 -4.96
N ASP A 50 -11.19 19.71 -5.57
CA ASP A 50 -11.25 19.82 -7.02
C ASP A 50 -9.81 19.95 -7.53
N TYR A 51 -9.26 18.83 -7.97
CA TYR A 51 -7.94 18.76 -8.56
C TYR A 51 -8.06 18.54 -10.06
N SER A 52 -9.11 19.09 -10.65
CA SER A 52 -9.40 18.80 -12.05
C SER A 52 -8.46 19.50 -13.02
N ASP A 53 -7.55 20.37 -12.56
CA ASP A 53 -6.51 20.85 -13.50
C ASP A 53 -5.56 19.73 -13.90
N LYS A 54 -5.48 18.64 -13.12
CA LYS A 54 -4.60 17.51 -13.44
C LYS A 54 -5.34 16.18 -13.48
N TYR A 55 -6.19 15.92 -12.48
CA TYR A 55 -6.63 14.53 -12.28
C TYR A 55 -8.14 14.40 -12.21
N GLY A 56 -8.76 15.20 -11.37
CA GLY A 56 -10.21 15.15 -11.27
C GLY A 56 -10.64 15.66 -9.89
N LEU A 57 -11.80 15.19 -9.47
CA LEU A 57 -12.49 15.61 -8.24
C LEU A 57 -12.53 14.42 -7.27
N GLY A 58 -11.87 14.59 -6.13
CA GLY A 58 -11.94 13.62 -5.05
C GLY A 58 -12.96 14.01 -4.00
N TYR A 59 -13.59 13.03 -3.35
CA TYR A 59 -14.63 13.36 -2.40
C TYR A 59 -14.73 12.28 -1.35
N GLN A 60 -15.22 12.67 -0.17
CA GLN A 60 -15.56 11.71 0.86
C GLN A 60 -17.08 11.71 1.02
N LEU A 61 -17.68 10.53 1.13
CA LEU A 61 -19.09 10.45 1.56
C LEU A 61 -19.15 10.31 3.10
N CYS A 62 -20.32 10.60 3.64
CA CYS A 62 -20.47 10.69 5.08
C CYS A 62 -20.29 9.35 5.79
N ASP A 63 -20.33 8.20 5.08
CA ASP A 63 -19.92 6.94 5.73
C ASP A 63 -18.40 6.70 5.72
N ASN A 64 -17.59 7.68 5.27
CA ASN A 64 -16.11 7.69 5.24
C ASN A 64 -15.58 6.91 4.06
N SER A 65 -16.43 6.40 3.18
CA SER A 65 -15.92 5.93 1.91
C SER A 65 -15.43 7.13 1.10
N VAL A 66 -14.57 6.86 0.10
CA VAL A 66 -14.06 7.96 -0.71
C VAL A 66 -14.21 7.58 -2.18
N GLY A 67 -14.15 8.61 -3.03
CA GLY A 67 -14.35 8.42 -4.45
C GLY A 67 -13.62 9.51 -5.23
N VAL A 68 -13.37 9.21 -6.49
CA VAL A 68 -12.78 10.14 -7.45
C VAL A 68 -13.57 10.02 -8.75
N LEU A 69 -14.03 11.16 -9.28
CA LEU A 69 -14.47 11.32 -10.66
C LEU A 69 -13.28 11.91 -11.43
N PHE A 70 -12.59 11.04 -12.19
CA PHE A 70 -11.41 11.45 -12.94
C PHE A 70 -11.81 12.29 -14.16
N ASN A 71 -10.83 13.04 -14.67
CA ASN A 71 -11.04 13.88 -15.86
C ASN A 71 -11.49 13.10 -17.08
N ASP A 72 -11.21 11.80 -17.13
CA ASP A 72 -11.62 11.00 -18.29
C ASP A 72 -13.01 10.38 -18.10
N SER A 73 -13.76 10.82 -17.09
CA SER A 73 -15.13 10.44 -16.77
C SER A 73 -15.26 9.04 -16.20
N THR A 74 -14.19 8.44 -15.72
CA THR A 74 -14.29 7.19 -14.96
C THR A 74 -14.31 7.52 -13.49
N ARG A 75 -14.74 6.56 -12.69
CA ARG A 75 -14.85 6.75 -11.26
C ARG A 75 -14.27 5.57 -10.54
N LEU A 76 -13.63 5.84 -9.41
CA LEU A 76 -13.11 4.81 -8.53
C LEU A 76 -13.61 5.13 -7.11
N ILE A 77 -14.21 4.14 -6.49
CA ILE A 77 -14.78 4.24 -5.15
C ILE A 77 -14.03 3.29 -4.25
N LEU A 78 -13.60 3.79 -3.09
CA LEU A 78 -13.04 2.95 -2.03
C LEU A 78 -14.01 2.94 -0.86
N TYR A 79 -14.47 1.75 -0.49
CA TYR A 79 -15.51 1.59 0.55
C TYR A 79 -14.92 1.84 1.91
N ASN A 80 -15.81 2.07 2.89
CA ASN A 80 -15.22 2.42 4.19
C ASN A 80 -14.56 1.20 4.88
N ASP A 81 -14.47 0.01 4.30
CA ASP A 81 -13.62 -0.99 4.91
C ASP A 81 -12.16 -0.78 4.57
N GLY A 82 -11.85 0.21 3.73
CA GLY A 82 -10.49 0.43 3.27
C GLY A 82 -9.96 -0.59 2.29
N ASP A 83 -10.76 -1.51 1.82
CA ASP A 83 -10.21 -2.49 0.88
C ASP A 83 -11.06 -2.71 -0.34
N SER A 84 -12.39 -2.67 -0.23
CA SER A 84 -13.22 -2.93 -1.40
C SER A 84 -13.25 -1.73 -2.34
N LEU A 85 -13.20 -2.01 -3.64
CA LEU A 85 -13.17 -1.00 -4.68
C LEU A 85 -14.29 -1.24 -5.68
N GLN A 86 -14.81 -0.14 -6.22
CA GLN A 86 -15.66 -0.19 -7.39
C GLN A 86 -15.14 0.76 -8.44
N TYR A 87 -14.94 0.25 -9.65
CA TYR A 87 -14.52 1.07 -10.77
C TYR A 87 -15.69 1.20 -11.73
N ILE A 88 -15.99 2.43 -12.13
CA ILE A 88 -17.07 2.69 -13.06
C ILE A 88 -16.49 3.33 -14.31
N GLU A 89 -16.66 2.64 -15.43
CA GLU A 89 -16.21 3.17 -16.71
C GLU A 89 -17.12 4.32 -17.13
N ARG A 90 -16.70 5.06 -18.16
CA ARG A 90 -17.45 6.26 -18.52
C ARG A 90 -18.83 5.92 -19.05
N ASP A 91 -19.07 4.69 -19.47
CA ASP A 91 -20.43 4.32 -19.84
C ASP A 91 -21.27 3.78 -18.68
N GLY A 92 -20.78 3.87 -17.43
CA GLY A 92 -21.48 3.33 -16.27
C GLY A 92 -21.22 1.86 -15.97
N THR A 93 -20.45 1.18 -16.80
CA THR A 93 -20.11 -0.21 -16.49
C THR A 93 -19.33 -0.29 -15.20
N GLU A 94 -19.85 -1.06 -14.23
CA GLU A 94 -19.25 -1.20 -12.92
C GLU A 94 -18.44 -2.50 -12.83
N SER A 95 -17.28 -2.42 -12.15
CA SER A 95 -16.55 -3.61 -11.73
C SER A 95 -16.20 -3.52 -10.26
N TYR A 96 -16.19 -4.66 -9.60
CA TYR A 96 -15.91 -4.74 -8.18
C TYR A 96 -14.57 -5.43 -7.96
N LEU A 97 -13.66 -4.75 -7.26
CA LEU A 97 -12.29 -5.24 -7.04
C LEU A 97 -11.92 -5.02 -5.58
N THR A 98 -10.65 -5.25 -5.25
CA THR A 98 -10.10 -4.88 -3.95
C THR A 98 -8.72 -4.26 -4.13
N VAL A 99 -8.30 -3.50 -3.13
CA VAL A 99 -6.92 -3.00 -3.11
C VAL A 99 -5.95 -4.16 -3.19
N SER A 100 -6.21 -5.23 -2.44
CA SER A 100 -5.28 -6.36 -2.44
C SER A 100 -5.28 -7.14 -3.76
N SER A 101 -6.43 -7.29 -4.44
CA SER A 101 -6.47 -7.95 -5.75
C SER A 101 -7.16 -7.05 -6.78
N HIS A 102 -6.36 -6.35 -7.55
CA HIS A 102 -6.84 -5.45 -8.58
C HIS A 102 -5.92 -5.57 -9.79
N PRO A 103 -6.45 -5.27 -10.98
CA PRO A 103 -5.57 -5.22 -12.15
C PRO A 103 -4.53 -4.10 -12.06
N ASN A 104 -3.34 -4.42 -12.57
CA ASN A 104 -2.26 -3.44 -12.65
C ASN A 104 -2.67 -2.21 -13.43
N SER A 105 -3.61 -2.34 -14.36
CA SER A 105 -4.03 -1.16 -15.12
C SER A 105 -4.64 -0.06 -14.23
N LEU A 106 -5.08 -0.42 -13.03
CA LEU A 106 -5.70 0.55 -12.11
C LEU A 106 -4.74 1.09 -11.07
N MET A 107 -3.45 0.75 -11.16
CA MET A 107 -2.53 1.16 -10.09
C MET A 107 -2.42 2.66 -9.99
N LYS A 108 -2.31 3.35 -11.14
CA LYS A 108 -2.21 4.82 -11.09
C LYS A 108 -3.45 5.43 -10.42
N LYS A 109 -4.65 5.03 -10.85
CA LYS A 109 -5.86 5.62 -10.25
C LYS A 109 -6.05 5.26 -8.79
N ILE A 110 -5.70 4.04 -8.39
CA ILE A 110 -5.69 3.70 -6.98
C ILE A 110 -4.73 4.62 -6.20
N THR A 111 -3.52 4.85 -6.72
CA THR A 111 -2.58 5.72 -6.02
C THR A 111 -3.15 7.13 -5.86
N LEU A 112 -3.76 7.65 -6.93
CA LEU A 112 -4.38 8.97 -6.88
C LEU A 112 -5.49 9.01 -5.86
N LEU A 113 -6.36 7.98 -5.83
CA LEU A 113 -7.44 7.92 -4.85
C LEU A 113 -6.86 7.97 -3.43
N LYS A 114 -5.80 7.20 -3.19
CA LYS A 114 -5.17 7.23 -1.88
C LYS A 114 -4.62 8.62 -1.56
N TYR A 115 -4.00 9.29 -2.55
CA TYR A 115 -3.57 10.66 -2.34
C TYR A 115 -4.75 11.56 -1.92
N PHE A 116 -5.88 11.47 -2.63
CA PHE A 116 -7.03 12.30 -2.24
C PHE A 116 -7.54 11.93 -0.86
N ARG A 117 -7.62 10.64 -0.58
CA ARG A 117 -8.12 10.21 0.74
C ARG A 117 -7.29 10.82 1.84
N ASN A 118 -5.97 10.80 1.66
CA ASN A 118 -5.07 11.30 2.70
C ASN A 118 -5.16 12.81 2.82
N TYR A 119 -5.24 13.52 1.68
CA TYR A 119 -5.36 14.97 1.73
C TYR A 119 -6.62 15.38 2.49
N MET A 120 -7.75 14.76 2.18
CA MET A 120 -9.02 15.15 2.83
C MET A 120 -9.00 14.84 4.33
N SER A 121 -8.37 13.72 4.71
CA SER A 121 -8.23 13.38 6.13
C SER A 121 -7.34 14.39 6.86
N GLU A 122 -6.23 14.80 6.22
CA GLU A 122 -5.30 15.69 6.89
C GLU A 122 -5.74 17.14 6.92
N HIS A 123 -6.68 17.57 6.05
CA HIS A 123 -6.94 19.01 5.93
C HIS A 123 -8.39 19.42 6.12
N LEU A 124 -9.37 18.55 5.89
CA LEU A 124 -10.74 19.02 5.63
C LEU A 124 -11.76 18.53 6.67
N LEU A 125 -12.69 19.41 7.03
CA LEU A 125 -13.68 19.14 8.08
C LEU A 125 -14.85 18.32 7.53
N LYS A 126 -15.29 17.30 8.27
CA LYS A 126 -16.38 16.45 7.76
C LYS A 126 -17.76 17.16 7.90
N ALA A 127 -18.42 17.48 6.78
CA ALA A 127 -19.78 18.01 6.82
C ALA A 127 -20.76 16.97 7.33
N GLY A 128 -21.66 17.40 8.20
CA GLY A 128 -22.65 16.47 8.70
C GLY A 128 -22.12 15.46 9.68
N ALA A 129 -20.95 15.73 10.28
CA ALA A 129 -20.37 14.76 11.19
C ALA A 129 -21.23 14.58 12.44
N ASN A 130 -22.08 15.56 12.75
CA ASN A 130 -22.91 15.44 13.94
C ASN A 130 -24.13 14.53 13.75
N ILE A 131 -24.36 13.97 12.56
CA ILE A 131 -25.51 13.09 12.33
C ILE A 131 -25.12 11.65 12.65
N THR A 132 -25.92 10.99 13.48
CA THR A 132 -25.71 9.58 13.85
C THR A 132 -26.20 8.66 12.73
N PRO A 133 -25.42 7.63 12.35
CA PRO A 133 -25.81 6.69 11.29
C PRO A 133 -27.01 5.82 11.68
N ALA A 140 -29.32 -0.04 1.35
CA ALA A 140 -28.75 1.16 0.73
C ALA A 140 -27.51 0.85 -0.10
N ARG A 141 -27.60 1.10 -1.40
CA ARG A 141 -26.48 0.95 -2.32
C ARG A 141 -25.62 2.21 -2.28
N LEU A 142 -24.31 2.04 -2.09
CA LEU A 142 -23.34 3.16 -2.14
C LEU A 142 -23.39 3.86 -3.49
N PRO A 143 -23.69 5.16 -3.55
CA PRO A 143 -23.66 5.88 -4.82
C PRO A 143 -22.27 6.36 -5.22
N TYR A 144 -22.15 6.70 -6.49
CA TYR A 144 -20.96 7.38 -6.96
C TYR A 144 -21.32 8.78 -7.47
N LEU A 145 -20.29 9.61 -7.63
CA LEU A 145 -20.48 10.95 -8.17
C LEU A 145 -20.68 10.85 -9.66
N ARG A 146 -21.87 11.26 -10.12
CA ARG A 146 -22.17 11.25 -11.55
C ARG A 146 -21.55 12.45 -12.26
N THR A 147 -21.79 13.65 -11.76
CA THR A 147 -21.14 14.81 -12.34
C THR A 147 -21.16 15.91 -11.31
N TRP A 148 -20.44 16.98 -11.59
CA TRP A 148 -20.38 18.09 -10.66
C TRP A 148 -20.03 19.31 -11.48
N PHE A 149 -20.28 20.49 -10.91
CA PHE A 149 -19.70 21.70 -11.47
C PHE A 149 -19.67 22.73 -10.37
N ARG A 150 -18.85 23.75 -10.60
CA ARG A 150 -18.84 24.92 -9.70
C ARG A 150 -19.39 26.17 -10.38
N THR A 151 -19.99 27.03 -9.59
CA THR A 151 -20.35 28.41 -9.93
C THR A 151 -19.53 29.36 -9.07
N ARG A 152 -19.77 30.68 -9.19
CA ARG A 152 -19.14 31.62 -8.27
C ARG A 152 -19.60 31.39 -6.83
N SER A 153 -20.83 30.87 -6.64
CA SER A 153 -21.44 30.78 -5.32
C SER A 153 -21.38 29.41 -4.68
N ALA A 154 -21.21 28.33 -5.45
CA ALA A 154 -21.49 27.01 -4.90
C ALA A 154 -20.78 25.93 -5.70
N ILE A 155 -20.70 24.75 -5.10
CA ILE A 155 -20.43 23.53 -5.88
C ILE A 155 -21.69 22.65 -5.91
N ILE A 156 -21.95 22.05 -7.06
CA ILE A 156 -23.17 21.31 -7.30
C ILE A 156 -22.71 19.88 -7.60
N LEU A 157 -23.26 18.92 -6.87
CA LEU A 157 -22.80 17.53 -6.93
C LEU A 157 -23.99 16.63 -7.19
N HIS A 158 -23.91 15.82 -8.27
CA HIS A 158 -25.02 14.97 -8.66
C HIS A 158 -24.59 13.52 -8.38
N LEU A 159 -25.26 12.86 -7.43
CA LEU A 159 -24.91 11.48 -7.09
C LEU A 159 -25.73 10.48 -7.92
N SER A 160 -25.20 9.27 -8.02
CA SER A 160 -25.87 8.28 -8.88
C SER A 160 -27.20 7.77 -8.31
N ASN A 161 -27.52 8.00 -7.03
CA ASN A 161 -28.82 7.64 -6.49
C ASN A 161 -29.87 8.72 -6.71
N GLY A 162 -29.55 9.75 -7.50
CA GLY A 162 -30.47 10.84 -7.83
C GLY A 162 -30.39 12.06 -6.92
N SER A 163 -29.66 11.99 -5.82
CA SER A 163 -29.53 13.11 -4.91
C SER A 163 -28.73 14.21 -5.58
N VAL A 164 -29.12 15.47 -5.32
CA VAL A 164 -28.30 16.63 -5.74
C VAL A 164 -27.90 17.40 -4.51
N GLN A 165 -26.61 17.63 -4.35
CA GLN A 165 -26.13 18.38 -3.19
C GLN A 165 -25.54 19.71 -3.69
N ILE A 166 -25.86 20.80 -2.97
CA ILE A 166 -25.32 22.11 -3.30
C ILE A 166 -24.67 22.71 -2.07
N ASN A 167 -23.36 22.96 -2.14
CA ASN A 167 -22.60 23.54 -1.02
C ASN A 167 -22.28 24.99 -1.37
N PHE A 168 -22.73 25.94 -0.52
CA PHE A 168 -22.55 27.37 -0.79
C PHE A 168 -21.24 27.86 -0.13
N PHE A 169 -20.40 28.56 -0.90
CA PHE A 169 -19.03 28.83 -0.44
C PHE A 169 -19.01 29.86 0.68
N GLN A 170 -19.86 30.86 0.59
CA GLN A 170 -19.66 32.05 1.40
C GLN A 170 -19.94 31.74 2.86
N ASP A 171 -21.01 31.04 3.11
CA ASP A 171 -21.48 30.93 4.47
C ASP A 171 -21.53 29.48 4.91
N HIS A 172 -21.08 28.55 4.08
CA HIS A 172 -20.99 27.15 4.43
C HIS A 172 -22.32 26.45 4.52
N THR A 173 -23.41 27.05 4.01
CA THR A 173 -24.69 26.35 4.08
C THR A 173 -24.74 25.32 2.96
N LYS A 174 -25.58 24.30 3.15
CA LYS A 174 -25.60 23.17 2.20
C LYS A 174 -27.05 22.67 2.04
N LEU A 175 -27.39 22.24 0.83
CA LEU A 175 -28.67 21.60 0.59
C LEU A 175 -28.41 20.21 0.07
N ILE A 176 -29.23 19.24 0.50
CA ILE A 176 -29.17 17.90 -0.09
C ILE A 176 -30.61 17.63 -0.55
N LEU A 177 -30.80 17.51 -1.86
CA LEU A 177 -32.11 17.31 -2.46
C LEU A 177 -32.33 15.84 -2.79
N CYS A 178 -33.42 15.25 -2.31
CA CYS A 178 -33.68 13.84 -2.56
C CYS A 178 -35.05 13.70 -3.22
N PRO A 179 -35.09 13.49 -4.53
CA PRO A 179 -36.36 13.50 -5.24
C PRO A 179 -37.22 12.28 -4.94
N LEU A 180 -36.64 11.19 -4.46
CA LEU A 180 -37.47 10.02 -4.19
C LEU A 180 -38.37 10.28 -2.99
N MET A 181 -37.85 10.96 -1.96
CA MET A 181 -38.60 11.38 -0.78
C MET A 181 -39.29 12.74 -0.92
N ALA A 182 -39.12 13.45 -2.06
CA ALA A 182 -39.53 14.84 -2.23
C ALA A 182 -39.08 15.67 -1.00
N ALA A 183 -37.81 15.54 -0.68
CA ALA A 183 -37.29 16.13 0.55
C ALA A 183 -36.05 16.97 0.26
N VAL A 184 -35.76 17.89 1.20
CA VAL A 184 -34.50 18.65 1.15
C VAL A 184 -33.93 18.71 2.56
N THR A 185 -32.66 18.43 2.67
CA THR A 185 -31.93 18.63 3.92
C THR A 185 -31.18 19.96 3.80
N TYR A 186 -31.33 20.82 4.81
CA TYR A 186 -30.65 22.09 4.85
C TYR A 186 -29.69 22.08 6.05
N ILE A 187 -28.39 22.31 5.80
CA ILE A 187 -27.41 22.53 6.86
C ILE A 187 -27.12 24.03 6.89
N ASP A 188 -27.50 24.66 7.99
CA ASP A 188 -27.40 26.11 8.05
C ASP A 188 -26.01 26.54 8.53
N GLU A 189 -25.85 27.84 8.71
CA GLU A 189 -24.52 28.37 9.01
C GLU A 189 -24.04 27.98 10.40
N LYS A 190 -24.93 27.56 11.30
CA LYS A 190 -24.55 27.08 12.62
C LYS A 190 -24.27 25.59 12.61
N ARG A 191 -24.34 24.99 11.41
CA ARG A 191 -24.18 23.56 11.17
C ARG A 191 -25.29 22.72 11.76
N ASP A 192 -26.44 23.33 11.99
CA ASP A 192 -27.61 22.57 12.36
C ASP A 192 -28.19 21.96 11.09
N PHE A 193 -28.55 20.70 11.19
CA PHE A 193 -28.94 19.82 10.06
C PHE A 193 -30.43 19.58 10.22
N ARG A 194 -31.25 20.00 9.24
CA ARG A 194 -32.70 19.76 9.30
C ARG A 194 -33.17 19.24 7.95
N THR A 195 -34.05 18.25 7.96
CA THR A 195 -34.63 17.69 6.74
C THR A 195 -36.13 18.00 6.69
N TYR A 196 -36.57 18.50 5.54
CA TYR A 196 -37.92 19.00 5.28
C TYR A 196 -38.55 18.24 4.12
N ARG A 197 -39.85 17.98 4.24
CA ARG A 197 -40.62 17.57 3.05
C ARG A 197 -40.96 18.81 2.24
N LEU A 198 -40.64 18.79 0.93
CA LEU A 198 -40.88 19.96 0.10
C LEU A 198 -42.36 20.35 0.10
N SER A 199 -43.27 19.34 0.08
CA SER A 199 -44.70 19.65 0.06
C SER A 199 -45.13 20.32 1.35
N LEU A 200 -44.48 20.01 2.47
CA LEU A 200 -44.82 20.66 3.72
C LEU A 200 -44.20 22.07 3.79
N LEU A 201 -43.07 22.29 3.13
CA LEU A 201 -42.56 23.67 3.01
C LEU A 201 -43.55 24.51 2.22
N GLU A 202 -44.18 23.92 1.22
CA GLU A 202 -45.19 24.64 0.47
C GLU A 202 -46.36 25.00 1.38
N GLU A 203 -46.74 24.06 2.24
CA GLU A 203 -47.90 24.28 3.11
C GLU A 203 -47.60 25.27 4.22
N TYR A 204 -46.50 25.10 4.91
CA TYR A 204 -46.20 25.84 6.15
C TYR A 204 -45.26 27.03 5.95
N GLY A 205 -44.55 27.13 4.82
CA GLY A 205 -43.61 28.20 4.58
C GLY A 205 -42.22 27.91 5.16
N CYS A 206 -41.28 28.79 4.82
CA CYS A 206 -39.95 28.76 5.43
C CYS A 206 -39.39 30.19 5.46
N CYS A 207 -38.23 30.35 6.11
CA CYS A 207 -37.57 31.65 6.17
C CYS A 207 -37.05 32.07 4.79
N LYS A 208 -36.72 33.38 4.68
CA LYS A 208 -36.27 33.89 3.39
C LYS A 208 -34.97 33.25 2.96
N GLU A 209 -34.10 32.92 3.92
CA GLU A 209 -32.79 32.36 3.54
C GLU A 209 -32.95 31.02 2.84
N LEU A 210 -33.72 30.11 3.43
CA LEU A 210 -33.99 28.84 2.77
C LEU A 210 -34.74 29.03 1.45
N ALA A 211 -35.78 29.89 1.43
CA ALA A 211 -36.51 30.15 0.18
C ALA A 211 -35.54 30.56 -0.94
N SER A 212 -34.64 31.50 -0.62
CA SER A 212 -33.66 31.98 -1.57
C SER A 212 -32.78 30.83 -2.09
N ARG A 213 -32.33 29.96 -1.17
CA ARG A 213 -31.49 28.86 -1.64
C ARG A 213 -32.23 27.83 -2.47
N LEU A 214 -33.54 27.61 -2.21
CA LEU A 214 -34.34 26.72 -3.07
C LEU A 214 -34.57 27.29 -4.48
N ARG A 215 -34.70 28.64 -4.60
CA ARG A 215 -34.72 29.28 -5.92
C ARG A 215 -33.42 29.04 -6.67
N TYR A 216 -32.28 29.22 -6.00
CA TYR A 216 -31.00 28.95 -6.64
C TYR A 216 -30.87 27.47 -7.00
N ALA A 217 -31.32 26.57 -6.10
CA ALA A 217 -31.26 25.15 -6.42
C ALA A 217 -32.04 24.80 -7.70
N ARG A 218 -33.20 25.42 -7.91
CA ARG A 218 -33.93 25.11 -9.16
C ARG A 218 -33.09 25.47 -10.37
N THR A 219 -32.45 26.63 -10.34
CA THR A 219 -31.56 27.05 -11.43
C THR A 219 -30.44 26.05 -11.66
N MET A 220 -29.86 25.54 -10.56
CA MET A 220 -28.76 24.59 -10.63
C MET A 220 -29.21 23.23 -11.17
N VAL A 221 -30.38 22.75 -10.72
CA VAL A 221 -30.89 21.48 -11.23
C VAL A 221 -31.19 21.61 -12.72
N ASP A 222 -31.67 22.77 -13.12
CA ASP A 222 -31.90 23.06 -14.54
C ASP A 222 -30.60 22.94 -15.34
N LYS A 223 -29.51 23.49 -14.81
CA LYS A 223 -28.22 23.37 -15.50
C LYS A 223 -27.78 21.92 -15.59
N LEU A 224 -28.05 21.13 -14.55
CA LEU A 224 -27.73 19.69 -14.61
C LEU A 224 -28.49 18.98 -15.73
N LEU A 225 -29.76 19.34 -15.94
CA LEU A 225 -30.57 18.67 -16.96
C LEU A 225 -29.90 18.72 -18.33
N SER A 226 -29.11 19.75 -18.61
CA SER A 226 -28.36 19.86 -19.86
C SER A 226 -26.93 19.30 -19.73
N HIS B 7 26.68 -20.62 15.70
CA HIS B 7 27.15 -21.46 14.62
C HIS B 7 28.42 -20.91 13.99
N LEU B 8 28.75 -19.63 14.23
CA LEU B 8 29.86 -19.07 13.47
C LEU B 8 31.18 -19.73 13.86
N SER B 9 31.36 -20.04 15.15
CA SER B 9 32.58 -20.71 15.55
C SER B 9 32.70 -22.07 14.89
N ASP B 10 31.58 -22.80 14.77
CA ASP B 10 31.58 -24.04 14.01
C ASP B 10 32.02 -23.83 12.56
N MET B 11 31.48 -22.80 11.91
CA MET B 11 31.89 -22.54 10.54
C MET B 11 33.38 -22.24 10.46
N LEU B 12 33.90 -21.50 11.43
CA LEU B 12 35.30 -21.13 11.38
C LEU B 12 36.16 -22.38 11.46
N GLN B 13 35.79 -23.30 12.34
CA GLN B 13 36.58 -24.51 12.48
C GLN B 13 36.50 -25.38 11.24
N GLN B 14 35.30 -25.52 10.63
CA GLN B 14 35.16 -26.27 9.39
C GLN B 14 36.04 -25.67 8.26
N LEU B 15 35.96 -24.36 8.06
CA LEU B 15 36.83 -23.67 7.09
C LEU B 15 38.32 -23.86 7.43
N HIS B 16 38.70 -23.67 8.70
CA HIS B 16 40.12 -23.88 9.00
C HIS B 16 40.57 -25.30 8.64
N SER B 17 39.76 -26.30 8.96
CA SER B 17 40.11 -27.69 8.66
C SER B 17 40.27 -27.91 7.16
N VAL B 18 39.33 -27.39 6.37
CA VAL B 18 39.45 -27.61 4.94
C VAL B 18 40.64 -26.83 4.40
N ASN B 19 40.84 -25.59 4.86
CA ASN B 19 41.95 -24.79 4.36
C ASN B 19 43.30 -25.40 4.77
N ALA B 20 43.39 -25.89 6.00
CA ALA B 20 44.66 -26.50 6.44
C ALA B 20 45.00 -27.77 5.67
N SER B 21 44.01 -28.41 5.01
CA SER B 21 44.27 -29.60 4.23
C SER B 21 44.85 -29.29 2.86
N LYS B 22 44.94 -27.98 2.48
CA LYS B 22 45.49 -27.50 1.21
C LYS B 22 44.81 -28.21 0.04
N PRO B 23 43.52 -27.96 -0.18
CA PRO B 23 42.74 -28.84 -1.07
C PRO B 23 43.14 -28.76 -2.53
N SER B 24 43.73 -27.66 -2.97
CA SER B 24 44.14 -27.54 -4.37
C SER B 24 45.48 -28.18 -4.64
N GLU B 25 46.13 -28.72 -3.59
CA GLU B 25 47.42 -29.38 -3.73
C GLU B 25 47.32 -30.91 -3.84
N ARG B 26 46.11 -31.45 -3.99
CA ARG B 26 45.89 -32.89 -4.10
C ARG B 26 46.59 -33.45 -5.37
N GLY B 27 47.11 -34.67 -5.28
CA GLY B 27 47.77 -35.29 -6.43
C GLY B 27 46.87 -35.36 -7.65
N LEU B 28 45.64 -35.81 -7.45
CA LEU B 28 44.62 -35.73 -8.49
C LEU B 28 43.38 -35.11 -7.83
N VAL B 29 43.09 -33.84 -8.14
CA VAL B 29 41.91 -33.18 -7.60
C VAL B 29 40.69 -33.82 -8.24
N ARG B 30 39.70 -34.23 -7.43
CA ARG B 30 38.46 -34.83 -7.93
C ARG B 30 37.30 -34.04 -7.33
N GLN B 31 37.19 -32.77 -7.71
CA GLN B 31 36.26 -31.87 -7.02
C GLN B 31 34.81 -32.35 -7.15
N GLU B 32 34.47 -32.90 -8.32
CA GLU B 32 33.12 -33.40 -8.59
C GLU B 32 32.69 -34.48 -7.61
N GLU B 33 33.64 -35.25 -7.06
CA GLU B 33 33.29 -36.26 -6.06
C GLU B 33 32.78 -35.65 -4.76
N ALA B 34 33.11 -34.39 -4.48
CA ALA B 34 32.69 -33.71 -3.26
C ALA B 34 31.32 -33.07 -3.41
N GLU B 35 30.70 -33.12 -4.60
CA GLU B 35 29.43 -32.43 -4.81
C GLU B 35 28.34 -33.19 -4.06
N ASP B 36 27.45 -32.44 -3.46
CA ASP B 36 26.34 -33.03 -2.70
C ASP B 36 25.12 -32.14 -2.90
N PRO B 37 24.39 -32.38 -3.97
CA PRO B 37 23.26 -31.51 -4.32
C PRO B 37 22.18 -31.54 -3.29
N ALA B 38 22.06 -32.61 -2.51
CA ALA B 38 21.06 -32.61 -1.44
C ALA B 38 21.28 -31.51 -0.41
N CYS B 39 22.48 -30.95 -0.34
CA CYS B 39 22.82 -29.99 0.69
C CYS B 39 22.54 -28.57 0.24
N ILE B 40 21.89 -28.42 -0.92
CA ILE B 40 21.62 -27.08 -1.44
C ILE B 40 20.78 -26.30 -0.41
N PRO B 41 21.09 -25.03 -0.13
CA PRO B 41 20.38 -24.31 0.93
C PRO B 41 18.95 -24.00 0.51
N ILE B 42 18.08 -23.87 1.52
CA ILE B 42 16.73 -23.40 1.22
C ILE B 42 16.70 -21.88 0.95
N PHE B 43 17.49 -21.09 1.69
CA PHE B 43 17.47 -19.64 1.57
C PHE B 43 18.86 -19.07 1.22
N TRP B 44 18.89 -18.10 0.30
CA TRP B 44 20.09 -17.28 0.13
C TRP B 44 19.63 -15.91 -0.30
N VAL B 45 20.56 -14.94 -0.28
CA VAL B 45 20.23 -13.55 -0.65
C VAL B 45 20.33 -13.45 -2.16
N SER B 46 19.21 -13.09 -2.82
CA SER B 46 19.26 -13.08 -4.30
C SER B 46 19.45 -11.67 -4.87
N LYS B 47 19.18 -10.62 -4.08
CA LYS B 47 19.41 -9.22 -4.53
C LYS B 47 19.69 -8.37 -3.28
N TRP B 48 20.43 -7.27 -3.42
CA TRP B 48 20.61 -6.39 -2.26
C TRP B 48 20.93 -4.96 -2.73
N VAL B 49 20.66 -4.00 -1.84
CA VAL B 49 20.96 -2.62 -2.16
C VAL B 49 21.37 -1.97 -0.85
N ASP B 50 22.61 -1.45 -0.85
CA ASP B 50 23.20 -0.77 0.31
C ASP B 50 22.86 0.72 0.25
N TYR B 51 21.81 1.09 0.98
CA TYR B 51 21.41 2.48 1.14
C TYR B 51 21.76 2.97 2.54
N SER B 52 22.83 2.46 3.11
CA SER B 52 23.08 2.76 4.50
C SER B 52 23.62 4.18 4.72
N ASP B 53 23.88 4.98 3.67
CA ASP B 53 24.12 6.40 3.97
C ASP B 53 22.87 7.09 4.47
N LYS B 54 21.69 6.56 4.22
CA LYS B 54 20.44 7.16 4.72
C LYS B 54 19.60 6.21 5.58
N TYR B 55 19.46 4.95 5.21
CA TYR B 55 18.37 4.13 5.76
C TYR B 55 18.82 2.77 6.26
N GLY B 56 19.52 2.05 5.40
CA GLY B 56 19.97 0.70 5.73
C GLY B 56 20.20 -0.12 4.47
N LEU B 57 20.14 -1.44 4.64
CA LEU B 57 20.46 -2.44 3.63
C LEU B 57 19.19 -3.24 3.33
N GLY B 58 18.67 -3.08 2.12
CA GLY B 58 17.53 -3.87 1.67
C GLY B 58 18.01 -5.09 0.89
N TYR B 59 17.25 -6.18 0.99
CA TYR B 59 17.66 -7.41 0.30
C TYR B 59 16.42 -8.24 -0.04
N GLN B 60 16.59 -9.08 -1.05
CA GLN B 60 15.60 -10.10 -1.43
C GLN B 60 16.19 -11.48 -1.11
N LEU B 61 15.39 -12.36 -0.50
CA LEU B 61 15.82 -13.75 -0.43
C LEU B 61 15.29 -14.51 -1.64
N CYS B 62 15.84 -15.70 -1.88
CA CYS B 62 15.52 -16.43 -3.09
C CYS B 62 14.06 -16.88 -3.16
N ASP B 63 13.32 -16.87 -2.06
CA ASP B 63 11.89 -17.20 -2.15
C ASP B 63 11.02 -15.99 -2.50
N ASN B 64 11.64 -14.87 -2.86
CA ASN B 64 11.02 -13.58 -3.22
C ASN B 64 10.53 -12.79 -1.99
N SER B 65 10.75 -13.25 -0.77
CA SER B 65 10.55 -12.34 0.36
C SER B 65 11.62 -11.23 0.33
N VAL B 66 11.35 -10.11 1.04
CA VAL B 66 12.34 -9.05 1.14
C VAL B 66 12.52 -8.68 2.60
N GLY B 67 13.64 -8.00 2.86
CA GLY B 67 13.99 -7.60 4.20
C GLY B 67 14.77 -6.30 4.14
N VAL B 68 14.71 -5.54 5.24
CA VAL B 68 15.64 -4.43 5.42
C VAL B 68 16.32 -4.60 6.75
N LEU B 69 17.63 -4.39 6.81
CA LEU B 69 18.33 -4.18 8.08
C LEU B 69 18.60 -2.67 8.17
N PHE B 70 17.83 -1.98 9.02
CA PHE B 70 17.92 -0.54 9.09
C PHE B 70 19.18 -0.11 9.87
N ASN B 71 19.54 1.17 9.69
CA ASN B 71 20.73 1.69 10.34
C ASN B 71 20.65 1.64 11.87
N ASP B 72 19.45 1.57 12.44
CA ASP B 72 19.27 1.45 13.91
C ASP B 72 19.27 -0.01 14.40
N SER B 73 19.71 -0.93 13.55
CA SER B 73 19.89 -2.35 13.87
C SER B 73 18.59 -3.11 14.05
N THR B 74 17.47 -2.57 13.60
CA THR B 74 16.22 -3.32 13.55
C THR B 74 16.01 -3.89 12.17
N ARG B 75 15.09 -4.82 12.07
CA ARG B 75 14.83 -5.48 10.78
C ARG B 75 13.35 -5.60 10.54
N LEU B 76 12.97 -5.39 9.28
CA LEU B 76 11.57 -5.64 8.87
C LEU B 76 11.61 -6.59 7.66
N ILE B 77 10.76 -7.61 7.71
CA ILE B 77 10.71 -8.65 6.70
C ILE B 77 9.31 -8.75 6.17
N LEU B 78 9.18 -8.82 4.85
CA LEU B 78 7.91 -8.98 4.16
C LEU B 78 7.93 -10.35 3.48
N TYR B 79 6.99 -11.22 3.86
CA TYR B 79 7.00 -12.58 3.34
C TYR B 79 6.51 -12.58 1.90
N ASN B 80 6.72 -13.71 1.22
CA ASN B 80 6.42 -13.72 -0.20
C ASN B 80 4.92 -13.85 -0.49
N ASP B 81 4.07 -13.91 0.53
CA ASP B 81 2.64 -13.70 0.34
C ASP B 81 2.28 -12.23 0.21
N GLY B 82 3.28 -11.33 0.29
CA GLY B 82 3.09 -9.88 0.18
C GLY B 82 2.25 -9.21 1.25
N ASP B 83 1.93 -9.87 2.38
CA ASP B 83 1.17 -9.17 3.42
C ASP B 83 1.75 -9.39 4.82
N SER B 84 2.26 -10.60 5.08
CA SER B 84 2.79 -10.91 6.40
C SER B 84 4.11 -10.19 6.63
N LEU B 85 4.27 -9.62 7.82
CA LEU B 85 5.51 -8.92 8.20
C LEU B 85 6.06 -9.54 9.47
N GLN B 86 7.36 -9.42 9.65
CA GLN B 86 7.99 -9.64 10.93
C GLN B 86 8.90 -8.47 11.21
N TYR B 87 8.77 -7.91 12.41
CA TYR B 87 9.67 -6.86 12.87
C TYR B 87 10.56 -7.45 13.95
N ILE B 88 11.87 -7.19 13.84
CA ILE B 88 12.85 -7.67 14.80
C ILE B 88 13.57 -6.47 15.38
N GLU B 89 13.40 -6.27 16.69
CA GLU B 89 14.09 -5.21 17.41
C GLU B 89 15.59 -5.51 17.46
N ARG B 90 16.35 -4.48 17.82
CA ARG B 90 17.81 -4.60 17.84
C ARG B 90 18.26 -5.78 18.68
N ASP B 91 17.57 -6.05 19.77
CA ASP B 91 17.90 -7.15 20.66
C ASP B 91 17.31 -8.51 20.24
N GLY B 92 16.70 -8.61 19.07
CA GLY B 92 16.24 -9.86 18.53
C GLY B 92 14.77 -10.16 18.77
N THR B 93 14.10 -9.33 19.58
CA THR B 93 12.68 -9.56 19.86
C THR B 93 11.82 -9.47 18.59
N GLU B 94 11.08 -10.55 18.29
CA GLU B 94 10.29 -10.62 17.06
C GLU B 94 8.82 -10.32 17.31
N SER B 95 8.21 -9.59 16.38
CA SER B 95 6.77 -9.37 16.38
C SER B 95 6.24 -9.71 14.99
N TYR B 96 5.07 -10.33 14.96
CA TYR B 96 4.45 -10.72 13.71
C TYR B 96 3.27 -9.80 13.46
N LEU B 97 3.20 -9.25 12.24
CA LEU B 97 2.21 -8.24 11.85
C LEU B 97 1.78 -8.50 10.42
N THR B 98 0.93 -7.62 9.88
CA THR B 98 0.61 -7.66 8.46
C THR B 98 0.60 -6.25 7.91
N VAL B 99 0.71 -6.16 6.59
CA VAL B 99 0.64 -4.86 5.91
C VAL B 99 -0.72 -4.21 6.13
N SER B 100 -1.78 -5.00 6.21
CA SER B 100 -3.12 -4.44 6.38
C SER B 100 -3.46 -4.09 7.83
N SER B 101 -2.83 -4.75 8.79
CA SER B 101 -3.06 -4.45 10.22
C SER B 101 -1.68 -4.39 10.89
N HIS B 102 -1.21 -3.18 11.18
CA HIS B 102 0.12 -3.00 11.72
C HIS B 102 0.16 -1.69 12.49
N PRO B 103 0.95 -1.61 13.56
CA PRO B 103 0.98 -0.37 14.34
C PRO B 103 1.45 0.78 13.46
N ASN B 104 0.90 1.95 13.72
CA ASN B 104 1.28 3.13 12.99
C ASN B 104 2.76 3.41 13.14
N SER B 105 3.33 2.99 14.26
CA SER B 105 4.73 3.25 14.54
C SER B 105 5.64 2.67 13.45
N LEU B 106 5.14 1.71 12.67
CA LEU B 106 5.95 1.07 11.64
C LEU B 106 5.71 1.63 10.25
N MET B 107 4.88 2.67 10.12
CA MET B 107 4.49 3.09 8.77
C MET B 107 5.69 3.56 7.98
N LYS B 108 6.60 4.31 8.63
CA LYS B 108 7.80 4.75 7.92
C LYS B 108 8.63 3.57 7.42
N LYS B 109 8.94 2.61 8.31
CA LYS B 109 9.78 1.50 7.88
C LYS B 109 9.09 0.61 6.86
N ILE B 110 7.77 0.46 6.94
CA ILE B 110 7.07 -0.28 5.88
C ILE B 110 7.15 0.46 4.53
N THR B 111 7.03 1.78 4.54
CA THR B 111 7.19 2.54 3.30
C THR B 111 8.60 2.37 2.72
N LEU B 112 9.62 2.41 3.57
CA LEU B 112 10.98 2.20 3.10
C LEU B 112 11.17 0.81 2.55
N LEU B 113 10.63 -0.20 3.24
CA LEU B 113 10.71 -1.56 2.71
C LEU B 113 10.09 -1.65 1.32
N LYS B 114 8.95 -0.99 1.10
CA LYS B 114 8.31 -1.04 -0.20
C LYS B 114 9.16 -0.36 -1.26
N TYR B 115 9.86 0.71 -0.88
CA TYR B 115 10.76 1.36 -1.83
C TYR B 115 11.91 0.43 -2.22
N PHE B 116 12.52 -0.25 -1.23
CA PHE B 116 13.59 -1.21 -1.53
C PHE B 116 13.08 -2.33 -2.39
N ARG B 117 11.91 -2.87 -2.04
CA ARG B 117 11.34 -3.99 -2.82
C ARG B 117 11.18 -3.59 -4.27
N ASN B 118 10.64 -2.41 -4.48
CA ASN B 118 10.35 -1.92 -5.83
C ASN B 118 11.63 -1.66 -6.60
N TYR B 119 12.63 -1.06 -5.93
CA TYR B 119 13.91 -0.83 -6.58
C TYR B 119 14.52 -2.14 -7.07
N MET B 120 14.55 -3.14 -6.20
CA MET B 120 15.23 -4.38 -6.54
C MET B 120 14.51 -5.11 -7.68
N SER B 121 13.18 -5.05 -7.66
CA SER B 121 12.39 -5.64 -8.75
C SER B 121 12.66 -4.93 -10.09
N GLU B 122 12.73 -3.61 -10.06
CA GLU B 122 12.90 -2.92 -11.33
C GLU B 122 14.33 -2.90 -11.84
N HIS B 123 15.32 -3.22 -11.00
CA HIS B 123 16.71 -2.97 -11.45
C HIS B 123 17.65 -4.17 -11.39
N LEU B 124 17.41 -5.15 -10.52
CA LEU B 124 18.44 -6.11 -10.10
C LEU B 124 18.11 -7.56 -10.47
N LEU B 125 19.15 -8.28 -10.91
CA LEU B 125 19.03 -9.66 -11.38
C LEU B 125 19.00 -10.66 -10.19
N LYS B 126 18.11 -11.63 -10.25
CA LYS B 126 17.96 -12.57 -9.12
C LYS B 126 19.10 -13.61 -9.15
N ALA B 127 19.96 -13.60 -8.16
CA ALA B 127 20.99 -14.65 -8.04
C ALA B 127 20.35 -16.01 -7.72
N GLY B 128 20.83 -17.06 -8.38
CA GLY B 128 20.30 -18.39 -8.08
C GLY B 128 18.92 -18.64 -8.66
N ALA B 129 18.46 -17.80 -9.58
CA ALA B 129 17.15 -17.99 -10.18
C ALA B 129 17.06 -19.35 -10.85
N ASN B 130 18.18 -19.87 -11.36
CA ASN B 130 18.17 -21.13 -12.06
C ASN B 130 18.11 -22.35 -11.14
N ILE B 131 17.97 -22.18 -9.84
CA ILE B 131 17.85 -23.39 -9.02
C ILE B 131 16.40 -23.55 -8.59
N THR B 132 15.89 -24.79 -8.74
CA THR B 132 14.46 -25.05 -8.53
C THR B 132 14.12 -25.11 -7.05
N PRO B 133 12.94 -24.57 -6.65
CA PRO B 133 12.51 -24.50 -5.25
C PRO B 133 12.25 -25.87 -4.64
N GLU B 135 11.79 -27.21 -1.46
CA GLU B 135 10.79 -28.06 -0.81
C GLU B 135 10.73 -27.94 0.72
N GLY B 136 11.85 -27.51 1.29
CA GLY B 136 11.93 -27.41 2.73
C GLY B 136 11.35 -26.16 3.32
N ASP B 137 10.81 -25.24 2.49
CA ASP B 137 10.09 -24.06 2.99
C ASP B 137 8.99 -24.43 3.97
N GLU B 138 8.29 -25.54 3.72
CA GLU B 138 7.31 -26.08 4.67
C GLU B 138 7.86 -26.09 6.08
N LEU B 139 9.07 -26.63 6.23
CA LEU B 139 9.66 -26.88 7.53
C LEU B 139 10.54 -25.73 8.03
N ALA B 140 11.22 -25.01 7.13
CA ALA B 140 12.22 -24.01 7.52
C ALA B 140 11.60 -22.65 7.87
N ARG B 141 12.09 -22.03 8.92
CA ARG B 141 11.62 -20.69 9.23
C ARG B 141 12.40 -19.68 8.38
N LEU B 142 11.70 -18.65 7.91
CA LEU B 142 12.33 -17.57 7.15
C LEU B 142 13.39 -16.88 8.02
N PRO B 143 14.65 -16.84 7.61
CA PRO B 143 15.65 -16.09 8.38
C PRO B 143 15.59 -14.61 8.06
N TYR B 144 16.19 -13.83 8.95
CA TYR B 144 16.45 -12.43 8.66
C TYR B 144 17.96 -12.17 8.58
N LEU B 145 18.32 -10.99 8.08
CA LEU B 145 19.73 -10.61 7.99
C LEU B 145 20.20 -10.14 9.35
N ARG B 146 21.13 -10.88 9.98
CA ARG B 146 21.66 -10.53 11.28
C ARG B 146 22.67 -9.41 11.18
N THR B 147 23.60 -9.51 10.24
CA THR B 147 24.56 -8.43 10.08
C THR B 147 25.17 -8.57 8.70
N TRP B 148 25.87 -7.53 8.28
CA TRP B 148 26.50 -7.57 6.96
C TRP B 148 27.64 -6.56 7.00
N PHE B 149 28.59 -6.74 6.09
CA PHE B 149 29.56 -5.67 5.85
C PHE B 149 30.11 -5.85 4.46
N ARG B 150 30.66 -4.78 3.94
CA ARG B 150 31.38 -4.85 2.67
C ARG B 150 32.87 -4.72 2.88
N THR B 151 33.60 -5.29 1.91
CA THR B 151 35.03 -5.06 1.77
C THR B 151 35.24 -4.60 0.35
N ARG B 152 36.50 -4.40 0.01
CA ARG B 152 36.83 -4.00 -1.35
C ARG B 152 36.42 -5.08 -2.34
N SER B 153 36.49 -6.34 -1.93
CA SER B 153 36.28 -7.46 -2.85
C SER B 153 34.89 -8.06 -2.81
N ALA B 154 34.13 -7.84 -1.72
CA ALA B 154 32.90 -8.63 -1.53
C ALA B 154 31.93 -7.96 -0.58
N ILE B 155 30.70 -8.50 -0.57
CA ILE B 155 29.74 -8.25 0.50
C ILE B 155 29.54 -9.55 1.27
N ILE B 156 29.46 -9.43 2.58
CA ILE B 156 29.43 -10.55 3.53
C ILE B 156 28.11 -10.41 4.25
N LEU B 157 27.26 -11.43 4.16
CA LEU B 157 25.91 -11.37 4.66
C LEU B 157 25.70 -12.54 5.63
N HIS B 158 25.31 -12.24 6.85
CA HIS B 158 25.16 -13.27 7.88
C HIS B 158 23.67 -13.36 8.22
N LEU B 159 23.04 -14.50 7.88
CA LEU B 159 21.63 -14.75 8.09
C LEU B 159 21.35 -15.38 9.45
N SER B 160 20.15 -15.10 9.97
CA SER B 160 19.81 -15.54 11.34
C SER B 160 19.76 -17.06 11.50
N ASN B 161 19.73 -17.83 10.42
CA ASN B 161 19.79 -19.29 10.52
C ASN B 161 21.22 -19.85 10.51
N GLY B 162 22.24 -18.96 10.58
CA GLY B 162 23.64 -19.37 10.65
C GLY B 162 24.36 -19.39 9.32
N SER B 163 23.63 -19.29 8.22
CA SER B 163 24.27 -19.23 6.91
C SER B 163 25.07 -17.95 6.75
N VAL B 164 26.22 -18.05 6.05
CA VAL B 164 27.03 -16.87 5.70
C VAL B 164 27.19 -16.90 4.19
N GLN B 165 26.82 -15.80 3.55
CA GLN B 165 26.91 -15.67 2.11
C GLN B 165 27.95 -14.61 1.78
N ILE B 166 28.81 -14.91 0.81
CA ILE B 166 29.81 -13.95 0.38
C ILE B 166 29.65 -13.77 -1.13
N ASN B 167 29.38 -12.54 -1.56
CA ASN B 167 29.26 -12.18 -2.99
C ASN B 167 30.47 -11.38 -3.41
N PHE B 168 31.24 -11.90 -4.38
CA PHE B 168 32.46 -11.25 -4.87
C PHE B 168 32.14 -10.29 -6.01
N PHE B 169 32.58 -9.04 -5.90
CA PHE B 169 32.10 -8.03 -6.85
C PHE B 169 32.62 -8.23 -8.24
N GLN B 170 33.90 -8.55 -8.38
CA GLN B 170 34.55 -8.41 -9.68
C GLN B 170 33.99 -9.44 -10.67
N ASP B 171 33.89 -10.68 -10.25
CA ASP B 171 33.54 -11.75 -11.19
C ASP B 171 32.19 -12.37 -10.91
N HIS B 172 31.40 -11.83 -9.98
CA HIS B 172 30.05 -12.27 -9.71
C HIS B 172 30.00 -13.64 -9.05
N THR B 173 31.12 -14.16 -8.55
CA THR B 173 31.04 -15.47 -7.93
C THR B 173 30.51 -15.31 -6.50
N LYS B 174 29.90 -16.38 -5.98
CA LYS B 174 29.21 -16.32 -4.70
C LYS B 174 29.41 -17.59 -3.93
N LEU B 175 29.60 -17.47 -2.62
CA LEU B 175 29.67 -18.60 -1.70
C LEU B 175 28.51 -18.51 -0.72
N ILE B 176 27.90 -19.66 -0.44
CA ILE B 176 26.91 -19.72 0.65
C ILE B 176 27.37 -20.83 1.59
N LEU B 177 27.73 -20.47 2.81
CA LEU B 177 28.31 -21.40 3.80
C LEU B 177 27.24 -21.83 4.78
N CYS B 178 27.06 -23.15 4.98
CA CYS B 178 26.02 -23.64 5.89
C CYS B 178 26.65 -24.54 6.91
N PRO B 179 26.81 -24.06 8.14
CA PRO B 179 27.53 -24.84 9.14
C PRO B 179 26.80 -26.09 9.57
N LEU B 180 25.47 -26.09 9.47
CA LEU B 180 24.66 -27.21 9.97
C LEU B 180 24.90 -28.45 9.13
N MET B 181 24.96 -28.28 7.81
CA MET B 181 25.34 -29.32 6.85
C MET B 181 26.84 -29.41 6.62
N ALA B 182 27.66 -28.53 7.19
CA ALA B 182 29.11 -28.50 6.90
C ALA B 182 29.33 -28.45 5.38
N ALA B 183 28.58 -27.57 4.72
CA ALA B 183 28.51 -27.52 3.27
C ALA B 183 28.78 -26.10 2.75
N VAL B 184 29.22 -26.01 1.49
CA VAL B 184 29.34 -24.71 0.83
C VAL B 184 28.74 -24.82 -0.57
N THR B 185 27.96 -23.84 -0.95
CA THR B 185 27.47 -23.73 -2.34
C THR B 185 28.32 -22.69 -3.02
N TYR B 186 28.85 -23.03 -4.20
CA TYR B 186 29.65 -22.09 -4.96
C TYR B 186 28.94 -21.77 -6.28
N ILE B 187 28.66 -20.50 -6.53
CA ILE B 187 28.09 -20.08 -7.81
C ILE B 187 29.21 -19.47 -8.59
N ASP B 188 29.58 -20.06 -9.74
CA ASP B 188 30.81 -19.62 -10.38
C ASP B 188 30.51 -18.52 -11.38
N GLU B 189 31.52 -18.15 -12.18
CA GLU B 189 31.27 -16.97 -13.01
C GLU B 189 30.36 -17.28 -14.17
N LYS B 190 30.12 -18.54 -14.48
CA LYS B 190 29.12 -18.93 -15.47
C LYS B 190 27.71 -19.03 -14.87
N ARG B 191 27.54 -18.67 -13.59
CA ARG B 191 26.28 -18.83 -12.87
C ARG B 191 25.88 -20.29 -12.69
N ASP B 192 26.82 -21.20 -12.85
CA ASP B 192 26.59 -22.57 -12.49
C ASP B 192 26.68 -22.71 -10.97
N PHE B 193 25.81 -23.53 -10.39
CA PHE B 193 25.57 -23.66 -8.95
C PHE B 193 26.09 -25.05 -8.58
N ARG B 194 26.98 -25.16 -7.60
CA ARG B 194 27.33 -26.49 -7.10
C ARG B 194 27.46 -26.40 -5.59
N THR B 195 27.02 -27.45 -4.91
CA THR B 195 27.08 -27.56 -3.46
C THR B 195 28.03 -28.71 -3.09
N TYR B 196 28.95 -28.42 -2.15
CA TYR B 196 30.02 -29.35 -1.75
C TYR B 196 29.94 -29.59 -0.25
N ARG B 197 30.23 -30.82 0.18
CA ARG B 197 30.50 -31.09 1.58
C ARG B 197 31.94 -30.72 1.88
N LEU B 198 32.15 -29.90 2.90
CA LEU B 198 33.52 -29.45 3.18
C LEU B 198 34.45 -30.62 3.51
N SER B 199 33.94 -31.65 4.23
CA SER B 199 34.79 -32.81 4.51
C SER B 199 35.19 -33.55 3.24
N LEU B 200 34.31 -33.57 2.22
CA LEU B 200 34.69 -34.21 0.95
C LEU B 200 35.64 -33.34 0.13
N LEU B 201 35.60 -32.01 0.28
CA LEU B 201 36.62 -31.16 -0.33
C LEU B 201 37.97 -31.45 0.29
N GLU B 202 38.02 -31.67 1.60
CA GLU B 202 39.28 -32.07 2.21
C GLU B 202 39.79 -33.36 1.61
N GLU B 203 38.90 -34.32 1.40
CA GLU B 203 39.31 -35.61 0.89
C GLU B 203 39.69 -35.55 -0.58
N TYR B 204 38.82 -35.00 -1.42
CA TYR B 204 39.03 -35.03 -2.86
C TYR B 204 39.75 -33.84 -3.45
N GLY B 205 39.85 -32.71 -2.74
CA GLY B 205 40.47 -31.53 -3.28
C GLY B 205 39.52 -30.66 -4.08
N CYS B 206 40.02 -29.48 -4.48
CA CYS B 206 39.25 -28.61 -5.38
C CYS B 206 40.23 -27.73 -6.17
N CYS B 207 39.71 -26.96 -7.12
CA CYS B 207 40.58 -26.11 -7.94
C CYS B 207 41.12 -24.93 -7.12
N LYS B 208 42.17 -24.29 -7.65
CA LYS B 208 42.76 -23.14 -6.94
C LYS B 208 41.76 -22.01 -6.70
N GLU B 209 40.82 -21.82 -7.64
CA GLU B 209 39.91 -20.68 -7.51
C GLU B 209 39.00 -20.83 -6.28
N LEU B 210 38.37 -21.98 -6.16
CA LEU B 210 37.56 -22.25 -4.97
C LEU B 210 38.40 -22.26 -3.69
N ALA B 211 39.61 -22.85 -3.74
CA ALA B 211 40.43 -22.92 -2.51
C ALA B 211 40.78 -21.51 -2.03
N SER B 212 41.08 -20.63 -2.98
CA SER B 212 41.38 -19.24 -2.62
C SER B 212 40.15 -18.55 -2.03
N ARG B 213 38.94 -18.81 -2.59
CA ARG B 213 37.76 -18.18 -2.00
C ARG B 213 37.44 -18.77 -0.64
N LEU B 214 37.76 -20.04 -0.40
CA LEU B 214 37.54 -20.58 0.94
C LEU B 214 38.53 -20.01 1.97
N ARG B 215 39.76 -19.68 1.56
CA ARG B 215 40.69 -18.97 2.47
C ARG B 215 40.16 -17.59 2.83
N TYR B 216 39.71 -16.84 1.81
CA TYR B 216 39.06 -15.55 2.06
C TYR B 216 37.86 -15.69 2.99
N ALA B 217 37.04 -16.73 2.78
CA ALA B 217 35.84 -16.92 3.59
C ALA B 217 36.22 -17.10 5.05
N ARG B 218 37.32 -17.84 5.32
CA ARG B 218 37.71 -18.01 6.72
C ARG B 218 38.00 -16.66 7.36
N THR B 219 38.70 -15.80 6.61
CA THR B 219 38.99 -14.46 7.12
C THR B 219 37.71 -13.68 7.36
N MET B 220 36.75 -13.77 6.43
CA MET B 220 35.51 -13.04 6.59
C MET B 220 34.71 -13.55 7.78
N VAL B 221 34.67 -14.87 7.99
CA VAL B 221 33.93 -15.40 9.15
C VAL B 221 34.64 -14.97 10.44
N ASP B 222 35.96 -14.96 10.41
CA ASP B 222 36.68 -14.49 11.59
C ASP B 222 36.37 -13.01 11.90
N LYS B 223 36.18 -12.17 10.86
CA LYS B 223 35.75 -10.79 11.10
C LYS B 223 34.35 -10.72 11.72
N LEU B 224 33.43 -11.59 11.26
CA LEU B 224 32.10 -11.59 11.86
C LEU B 224 32.20 -11.91 13.34
N LEU B 225 32.98 -12.93 13.68
CA LEU B 225 33.13 -13.37 15.06
C LEU B 225 33.69 -12.26 15.94
N SER B 226 34.66 -11.50 15.43
CA SER B 226 35.28 -10.51 16.29
C SER B 226 34.47 -9.22 16.31
N SER B 227 33.79 -8.92 15.21
CA SER B 227 32.89 -7.78 15.17
C SER B 227 31.74 -7.90 16.17
N ARG B 228 31.32 -9.11 16.50
CA ARG B 228 30.28 -9.22 17.54
C ARG B 228 30.85 -9.56 18.93
N GLN C 2 -11.59 23.42 -2.85
CA GLN C 2 -11.61 22.41 -1.76
C GLN C 2 -12.73 22.81 -0.82
N SER C 3 -13.20 21.80 -0.05
CA SER C 3 -14.25 22.08 0.95
C SER C 3 -13.66 22.76 2.25
N GLN D 2 25.20 -1.99 -4.66
CA GLN D 2 24.00 -2.75 -5.13
C GLN D 2 24.53 -4.01 -5.80
N SER D 3 23.62 -5.02 -5.87
CA SER D 3 23.93 -6.30 -6.51
C SER D 3 23.87 -6.15 -8.06
#